data_7NUO
#
_entry.id   7NUO
#
loop_
_entity.id
_entity.type
_entity.pdbx_description
1 polymer 'Genome polyprotein'
2 polymer P1
3 polymer 'Genome polyprotein'
#
loop_
_entity_poly.entity_id
_entity_poly.type
_entity_poly.pdbx_seq_one_letter_code
_entity_poly.pdbx_strand_id
1 'polypeptide(L)'
;ALTEGLGDELEEVIVEKTKQTVASISSGPKHTQKVPILTANETGATMPVLPSDSIETRTTYMHFNGSETDVECFLGRAAC
VHVTEIQNKDATGIDNHREAKLFNDWKINLSSLVQLRKKLELFTYVRFDSEYTILATASQPDSANYSSNLVVQAMYVPPG
APNPKEWDDYTWQSASNPSVFFKVGDTSRFSVPYVGLASAYNCFYDGYSHDDAETQYGITVLNHMGSMAFRIVNEHDEHK
TLVKIRVYHRAKHVEAWIPRAPRALPYTSIGRTNYPKNTEPVIKKRKGDIKSY
;
1
2 'polypeptide(L)'
;GLPTTTLPGSGQFLTTDDRQSPSALPNYEPTPRIHIPGKVHNLLEIIQVDTLIPMNNTHTKDEVNSYLIPLNANRQNEQV
FGTNLFIGDGVFKTTLLGEIVQYYTHWSGSLRFSLMYTGPALSSAKLILAYTPPGARGPQDRREAMLGTHVVWDIGLQST
IVMTIPWTSGVQFRYTDPDTYTSAGFLSCWYQTSLILPPETTGQVYLLSFISACPDFKLRLMKDTQTISQTV
;
3
3 'polypeptide(L)'
;SPNVEACGYSDRVQQITLGNSTITTQEAANAVVCYAEWPEYLPDVDASDVNKTSKPDTSVCRFYTLDSKTWTTGSKGWCW
KLPDALKDMGVFGQNMFFHSLGRSGYTVHVQCNATKFHSGCLLVVVIPEHQLASHEGGNVSVKYTFTHPGERGIDLSSAN
EVGGPVKDVIYNMNGTLLGNLLIFPHQFINLRTNNTATIVIPYINSVPIDSMTRHNNVSLMVIPIAPLTVPTGATPSLPI
TVTIAPMCTEFSGIRSKSIVPQ
;
2
#
# COMPACT_ATOMS: atom_id res chain seq x y z
N SER A 67 8.10 0.82 -21.19
CA SER A 67 8.75 -0.31 -20.53
C SER A 67 9.42 0.13 -19.23
N GLU A 68 9.39 1.43 -18.95
CA GLU A 68 10.01 1.97 -17.75
C GLU A 68 9.17 1.77 -16.50
N THR A 69 7.90 1.41 -16.65
CA THR A 69 7.00 1.20 -15.53
C THR A 69 7.00 -0.24 -15.02
N ASP A 70 7.76 -1.13 -15.66
CA ASP A 70 7.87 -2.50 -15.18
C ASP A 70 8.66 -2.52 -13.87
N VAL A 71 8.33 -3.50 -13.02
CA VAL A 71 8.96 -3.60 -11.71
C VAL A 71 10.43 -3.97 -11.83
N GLU A 72 10.83 -4.61 -12.92
CA GLU A 72 12.24 -4.92 -13.12
C GLU A 72 13.06 -3.66 -13.31
N CYS A 73 12.41 -2.58 -13.76
CA CYS A 73 13.03 -1.27 -13.95
C CYS A 73 12.71 -0.27 -12.85
N PHE A 74 11.55 -0.37 -12.20
CA PHE A 74 11.20 0.62 -11.18
C PHE A 74 12.00 0.40 -9.89
N LEU A 75 12.01 -0.82 -9.36
CA LEU A 75 12.78 -1.11 -8.14
C LEU A 75 14.20 -1.53 -8.45
N GLY A 76 14.45 -1.95 -9.68
CA GLY A 76 15.74 -2.49 -10.05
C GLY A 76 16.67 -1.42 -10.57
N ARG A 77 17.08 -0.52 -9.69
CA ARG A 77 18.12 0.45 -10.02
C ARG A 77 19.09 0.53 -8.85
N ALA A 78 20.38 0.70 -9.17
CA ALA A 78 21.41 0.64 -8.14
C ALA A 78 21.26 1.82 -7.19
N ALA A 79 20.95 1.55 -5.93
CA ALA A 79 20.95 2.59 -4.92
C ALA A 79 22.09 2.37 -3.93
N CYS A 80 22.53 3.46 -3.30
CA CYS A 80 23.58 3.39 -2.30
C CYS A 80 22.89 3.09 -0.99
N VAL A 81 23.05 1.87 -0.49
CA VAL A 81 22.30 1.48 0.69
C VAL A 81 23.00 1.87 1.99
N HIS A 82 24.30 2.16 1.94
CA HIS A 82 25.06 2.51 3.13
C HIS A 82 26.31 3.31 2.76
N VAL A 83 26.55 4.39 3.50
CA VAL A 83 27.72 5.24 3.31
C VAL A 83 28.40 5.27 4.67
N THR A 84 29.55 4.63 4.76
CA THR A 84 30.33 4.48 5.98
C THR A 84 31.72 5.06 5.78
N GLU A 85 32.52 5.00 6.84
CA GLU A 85 33.91 5.43 6.77
C GLU A 85 34.75 4.61 7.73
N ILE A 86 35.76 3.96 7.19
CA ILE A 86 36.59 3.03 7.94
C ILE A 86 37.91 3.72 8.22
N GLN A 87 38.65 3.17 9.19
CA GLN A 87 39.92 3.73 9.64
C GLN A 87 41.01 2.69 9.42
N ASN A 88 42.25 3.14 9.28
CA ASN A 88 43.37 2.23 8.99
C ASN A 88 44.11 1.86 10.27
N LEU A 102 37.56 1.38 12.43
CA LEU A 102 38.38 0.30 11.88
C LEU A 102 37.49 -0.74 11.17
N PHE A 103 36.28 -0.93 11.67
CA PHE A 103 35.31 -1.80 11.00
C PHE A 103 33.89 -1.38 11.35
N ASN A 104 32.94 -1.86 10.54
CA ASN A 104 31.52 -1.69 10.80
C ASN A 104 30.75 -2.88 10.25
N ASP A 105 29.83 -3.42 11.03
CA ASP A 105 28.90 -4.42 10.52
C ASP A 105 27.58 -3.74 10.26
N TRP A 106 26.81 -4.24 9.29
CA TRP A 106 25.55 -3.59 8.97
C TRP A 106 24.54 -4.62 8.50
N LYS A 107 23.40 -4.74 9.20
CA LYS A 107 22.35 -5.66 8.79
C LYS A 107 21.79 -5.16 7.47
N ILE A 108 21.76 -6.02 6.45
CA ILE A 108 21.31 -5.59 5.13
C ILE A 108 19.83 -5.25 5.23
N ASN A 109 19.52 -3.96 5.05
CA ASN A 109 18.17 -3.43 5.20
C ASN A 109 18.00 -2.33 4.17
N LEU A 110 17.33 -2.65 3.07
CA LEU A 110 17.19 -1.65 2.03
C LEU A 110 16.21 -0.55 2.44
N SER A 111 15.43 -0.77 3.49
CA SER A 111 14.39 0.15 3.94
C SER A 111 14.97 1.34 4.70
N SER A 112 16.30 1.41 4.84
CA SER A 112 16.94 2.57 5.48
C SER A 112 16.88 3.80 4.59
N LEU A 113 16.80 3.59 3.27
CA LEU A 113 16.73 4.65 2.28
C LEU A 113 15.27 5.03 2.09
N VAL A 114 14.91 6.26 2.45
CA VAL A 114 13.53 6.70 2.27
C VAL A 114 13.16 6.83 0.80
N GLN A 115 14.15 6.89 -0.10
CA GLN A 115 13.83 6.91 -1.52
C GLN A 115 13.56 5.50 -2.03
N LEU A 116 14.33 4.53 -1.52
CA LEU A 116 14.09 3.13 -1.79
C LEU A 116 12.99 2.58 -0.89
N ARG A 117 12.91 3.06 0.34
CA ARG A 117 11.85 2.58 1.23
C ARG A 117 10.50 3.05 0.71
N LYS A 118 10.42 4.29 0.17
CA LYS A 118 9.14 4.77 -0.35
C LYS A 118 8.72 4.03 -1.61
N LYS A 119 9.67 3.38 -2.30
CA LYS A 119 9.35 2.57 -3.47
C LYS A 119 9.01 1.13 -3.06
N LEU A 120 9.70 0.62 -2.05
CA LEU A 120 9.45 -0.74 -1.55
C LEU A 120 8.12 -0.80 -0.83
N GLU A 121 7.69 0.27 -0.15
CA GLU A 121 6.42 0.16 0.54
C GLU A 121 5.17 0.36 -0.30
N LEU A 122 5.27 0.29 -1.63
CA LEU A 122 4.07 0.22 -2.43
C LEU A 122 3.76 -1.24 -2.75
N PHE A 123 4.57 -2.14 -2.19
CA PHE A 123 4.40 -3.58 -2.34
C PHE A 123 4.63 -4.20 -0.97
N THR A 124 3.94 -5.32 -0.70
CA THR A 124 4.08 -6.02 0.58
C THR A 124 5.25 -7.01 0.54
N TYR A 125 5.30 -7.87 -0.47
CA TYR A 125 6.40 -8.80 -0.64
C TYR A 125 7.06 -8.48 -1.97
N VAL A 126 8.38 -8.64 -1.99
CA VAL A 126 9.18 -8.38 -3.19
C VAL A 126 10.33 -9.36 -3.11
N ARG A 127 10.61 -10.06 -4.20
CA ARG A 127 11.68 -11.05 -4.23
C ARG A 127 12.60 -10.78 -5.42
N PHE A 128 13.87 -10.56 -5.12
CA PHE A 128 14.89 -10.27 -6.12
C PHE A 128 16.21 -10.81 -5.59
N ASP A 129 17.07 -11.24 -6.49
CA ASP A 129 18.43 -11.56 -6.14
C ASP A 129 19.19 -10.25 -5.95
N SER A 130 20.22 -10.26 -5.12
CA SER A 130 20.96 -9.03 -4.89
C SER A 130 22.24 -8.93 -5.71
N GLU A 131 22.75 -7.70 -5.79
CA GLU A 131 23.94 -7.39 -6.58
C GLU A 131 24.59 -6.12 -6.04
N TYR A 132 25.74 -6.28 -5.38
CA TYR A 132 26.47 -5.17 -4.79
C TYR A 132 27.71 -4.82 -5.59
N THR A 133 27.87 -3.54 -5.86
CA THR A 133 29.08 -2.99 -6.45
C THR A 133 29.62 -2.06 -5.38
N ILE A 134 30.85 -2.32 -4.93
CA ILE A 134 31.42 -1.64 -3.79
C ILE A 134 32.59 -0.79 -4.25
N LEU A 135 32.53 0.50 -3.94
CA LEU A 135 33.56 1.45 -4.30
C LEU A 135 34.22 1.90 -3.00
N ALA A 136 35.52 1.68 -2.90
CA ALA A 136 36.30 2.10 -1.73
C ALA A 136 37.21 3.24 -2.13
N THR A 137 37.11 4.35 -1.41
CA THR A 137 37.86 5.57 -1.69
C THR A 137 38.61 5.96 -0.44
N ALA A 138 39.86 6.40 -0.61
CA ALA A 138 40.67 6.79 0.52
C ALA A 138 40.44 8.27 0.85
N SER A 139 41.00 8.70 1.96
CA SER A 139 40.88 10.09 2.37
C SER A 139 41.90 10.34 3.48
N GLN A 140 42.59 11.47 3.39
CA GLN A 140 43.73 11.74 4.24
C GLN A 140 43.62 13.14 4.85
N LEU A 150 46.24 -0.04 -1.06
CA LEU A 150 45.38 -0.55 0.01
C LEU A 150 44.46 -1.62 -0.57
N VAL A 151 44.02 -2.56 0.26
CA VAL A 151 43.11 -3.62 -0.16
C VAL A 151 41.89 -3.65 0.76
N VAL A 152 40.70 -3.73 0.18
CA VAL A 152 39.46 -3.76 0.95
C VAL A 152 38.84 -5.15 0.85
N GLN A 153 38.56 -5.75 2.00
CA GLN A 153 37.87 -7.02 2.13
C GLN A 153 36.37 -6.80 2.30
N ALA A 154 35.58 -7.27 1.33
CA ALA A 154 34.12 -7.19 1.40
C ALA A 154 33.59 -8.59 1.67
N MET A 155 33.16 -8.83 2.90
CA MET A 155 32.68 -10.14 3.33
C MET A 155 31.16 -10.13 3.51
N TYR A 156 30.48 -11.00 2.77
CA TYR A 156 29.04 -11.21 2.92
C TYR A 156 28.85 -12.33 3.94
N VAL A 157 28.32 -12.00 5.11
CA VAL A 157 28.06 -12.99 6.16
C VAL A 157 26.66 -13.54 5.98
N PRO A 158 26.49 -14.82 5.62
CA PRO A 158 25.16 -15.37 5.37
C PRO A 158 24.35 -15.47 6.64
N PRO A 159 23.06 -15.79 6.56
CA PRO A 159 22.26 -15.93 7.79
C PRO A 159 22.80 -17.06 8.65
N GLY A 160 23.07 -16.75 9.91
CA GLY A 160 23.54 -17.75 10.86
C GLY A 160 25.04 -17.79 11.06
N ALA A 161 25.82 -17.02 10.29
CA ALA A 161 27.24 -17.07 10.59
C ALA A 161 27.59 -15.98 11.60
N PRO A 162 28.62 -16.20 12.41
CA PRO A 162 28.97 -15.20 13.43
C PRO A 162 29.66 -13.98 12.84
N ASN A 163 29.31 -12.82 13.40
CA ASN A 163 29.87 -11.57 12.92
C ASN A 163 31.18 -11.30 13.63
N PRO A 164 32.09 -10.52 13.03
CA PRO A 164 33.36 -10.27 13.73
C PRO A 164 33.18 -9.35 14.93
N LYS A 165 33.94 -9.64 15.98
CA LYS A 165 33.89 -8.85 17.21
C LYS A 165 35.15 -8.04 17.42
N GLU A 166 36.25 -8.41 16.79
CA GLU A 166 37.51 -7.69 16.85
C GLU A 166 38.02 -7.63 15.42
N TRP A 167 38.99 -6.76 15.12
CA TRP A 167 39.53 -6.80 13.76
C TRP A 167 40.36 -8.07 13.54
N ASP A 168 40.83 -8.69 14.62
CA ASP A 168 41.67 -9.89 14.56
C ASP A 168 40.94 -11.14 15.06
N ASP A 169 39.66 -11.22 14.80
CA ASP A 169 38.88 -12.39 15.19
C ASP A 169 39.19 -13.54 14.23
N TYR A 170 38.82 -14.75 14.67
CA TYR A 170 38.93 -15.92 13.80
C TYR A 170 37.82 -15.92 12.76
N THR A 171 36.71 -15.25 13.07
CA THR A 171 35.57 -15.19 12.16
C THR A 171 35.92 -14.52 10.85
N TRP A 172 36.94 -13.65 10.83
CA TRP A 172 37.33 -13.02 9.57
C TRP A 172 37.88 -14.04 8.59
N GLN A 173 38.45 -15.13 9.10
CA GLN A 173 39.03 -16.20 8.30
C GLN A 173 38.13 -17.42 8.14
N SER A 174 36.85 -17.33 8.52
CA SER A 174 35.98 -18.48 8.32
C SER A 174 35.72 -18.69 6.82
N ALA A 175 35.91 -19.94 6.39
CA ALA A 175 35.81 -20.34 4.99
C ALA A 175 34.41 -20.22 4.41
N SER A 176 33.38 -20.17 5.24
CA SER A 176 32.03 -20.02 4.74
C SER A 176 31.64 -18.58 4.49
N ASN A 177 32.39 -17.61 5.01
CA ASN A 177 32.11 -16.21 4.72
C ASN A 177 32.83 -15.81 3.44
N PRO A 178 32.13 -15.59 2.33
CA PRO A 178 32.81 -15.13 1.10
C PRO A 178 33.32 -13.72 1.27
N SER A 179 34.57 -13.49 0.84
CA SER A 179 35.15 -12.15 0.87
C SER A 179 35.85 -11.85 -0.44
N VAL A 180 35.73 -10.60 -0.87
CA VAL A 180 36.30 -10.13 -2.13
C VAL A 180 37.41 -9.16 -1.76
N PHE A 181 38.58 -9.34 -2.37
CA PHE A 181 39.74 -8.49 -2.12
C PHE A 181 39.93 -7.57 -3.32
N PHE A 182 39.81 -6.26 -3.07
CA PHE A 182 40.01 -5.27 -4.12
C PHE A 182 40.76 -4.08 -3.52
N LYS A 183 41.41 -3.33 -4.40
CA LYS A 183 42.22 -2.19 -3.98
C LYS A 183 41.34 -0.98 -3.73
N VAL A 184 41.84 -0.08 -2.87
CA VAL A 184 41.13 1.16 -2.63
C VAL A 184 41.26 2.05 -3.86
N GLY A 185 40.14 2.60 -4.31
CA GLY A 185 40.06 3.34 -5.55
C GLY A 185 39.38 2.54 -6.64
N ASP A 186 39.53 1.22 -6.61
CA ASP A 186 38.84 0.33 -7.54
C ASP A 186 37.43 0.05 -7.00
N THR A 187 36.71 -0.85 -7.67
CA THR A 187 35.38 -1.23 -7.20
C THR A 187 35.16 -2.74 -7.34
N SER A 188 34.54 -3.32 -6.34
CA SER A 188 34.22 -4.74 -6.27
C SER A 188 32.78 -4.96 -6.72
N ARG A 189 32.48 -6.20 -7.13
CA ARG A 189 31.16 -6.51 -7.65
C ARG A 189 30.88 -8.00 -7.53
N PHE A 190 29.78 -8.34 -6.88
CA PHE A 190 29.36 -9.73 -6.70
C PHE A 190 27.84 -9.77 -6.54
N SER A 191 27.29 -10.99 -6.55
CA SER A 191 25.85 -11.18 -6.43
C SER A 191 25.56 -12.25 -5.37
N VAL A 192 24.53 -11.99 -4.58
CA VAL A 192 24.05 -12.89 -3.52
C VAL A 192 22.68 -13.40 -3.93
N PRO A 193 22.40 -14.71 -3.85
CA PRO A 193 21.07 -15.19 -4.24
C PRO A 193 19.98 -14.81 -3.23
N TYR A 194 18.75 -15.22 -3.50
CA TYR A 194 17.62 -14.97 -2.61
C TYR A 194 17.81 -15.75 -1.32
N VAL A 195 18.25 -15.09 -0.25
CA VAL A 195 18.59 -15.82 0.98
C VAL A 195 17.47 -15.71 2.02
N GLY A 196 16.25 -15.34 1.61
CA GLY A 196 15.15 -15.34 2.55
C GLY A 196 14.61 -16.74 2.78
N LEU A 197 13.80 -16.88 3.83
CA LEU A 197 13.30 -18.22 4.18
C LEU A 197 11.93 -18.50 3.56
N ALA A 198 11.13 -17.47 3.34
CA ALA A 198 9.83 -17.57 2.71
C ALA A 198 10.00 -17.53 1.19
N SER A 199 8.89 -17.49 0.44
CA SER A 199 8.99 -17.41 -1.00
C SER A 199 9.21 -15.97 -1.47
N ALA A 200 9.23 -15.03 -0.54
CA ALA A 200 9.49 -13.62 -0.77
C ALA A 200 9.93 -13.01 0.55
N TYR A 201 10.55 -11.84 0.48
CA TYR A 201 10.97 -11.14 1.69
C TYR A 201 9.75 -10.47 2.29
N ASN A 202 9.73 -10.28 3.61
CA ASN A 202 8.56 -9.67 4.23
C ASN A 202 8.79 -8.19 4.52
N CYS A 203 8.15 -7.33 3.73
CA CYS A 203 8.25 -5.90 3.95
C CYS A 203 7.37 -5.45 5.12
N PHE A 204 6.27 -6.17 5.36
CA PHE A 204 5.35 -5.98 6.47
C PHE A 204 4.94 -7.34 7.02
N TYR A 205 4.86 -7.47 8.34
CA TYR A 205 4.49 -8.75 8.97
C TYR A 205 3.46 -8.41 10.04
N ASP A 206 2.20 -8.78 9.83
CA ASP A 206 1.14 -8.53 10.81
C ASP A 206 1.10 -9.66 11.84
N GLY A 207 2.03 -9.59 12.78
CA GLY A 207 2.08 -10.55 13.85
C GLY A 207 3.47 -10.62 14.44
N TYR A 208 3.69 -11.67 15.22
CA TYR A 208 4.89 -11.86 16.01
C TYR A 208 5.53 -13.16 15.56
N SER A 209 6.84 -13.27 15.74
CA SER A 209 7.55 -14.48 15.35
C SER A 209 7.88 -15.35 16.55
N GLN A 216 8.32 -6.72 18.69
CA GLN A 216 8.99 -7.52 17.69
C GLN A 216 8.07 -7.69 16.48
N TYR A 217 7.07 -6.82 16.44
CA TYR A 217 6.09 -6.84 15.36
C TYR A 217 6.79 -6.70 14.02
N GLY A 218 7.89 -5.95 13.99
CA GLY A 218 8.69 -5.75 12.81
C GLY A 218 9.92 -6.65 12.79
N ILE A 219 10.29 -7.22 13.93
CA ILE A 219 11.49 -8.08 13.97
C ILE A 219 11.10 -9.41 13.34
N THR A 220 11.49 -9.59 12.08
CA THR A 220 11.20 -10.81 11.34
C THR A 220 12.52 -11.26 10.71
N VAL A 221 12.72 -12.58 10.64
CA VAL A 221 13.93 -13.14 10.06
C VAL A 221 13.75 -13.51 8.59
N LEU A 222 12.57 -13.26 8.02
CA LEU A 222 12.37 -13.61 6.63
C LEU A 222 13.00 -12.62 5.65
N ASN A 223 13.11 -11.33 5.99
CA ASN A 223 13.75 -10.37 5.08
C ASN A 223 15.19 -10.09 5.49
N HIS A 224 15.78 -10.94 6.33
CA HIS A 224 17.17 -10.81 6.70
C HIS A 224 18.01 -11.43 5.60
N MET A 225 18.79 -10.60 4.93
CA MET A 225 19.66 -11.02 3.84
C MET A 225 21.08 -11.31 4.31
N GLY A 226 21.36 -11.16 5.61
CA GLY A 226 22.67 -11.38 6.19
C GLY A 226 23.34 -10.09 6.63
N SER A 227 24.67 -10.05 6.67
CA SER A 227 25.39 -8.84 7.09
C SER A 227 26.72 -8.71 6.34
N MET A 228 27.12 -7.46 6.15
CA MET A 228 28.36 -7.08 5.48
C MET A 228 29.36 -6.48 6.46
N ALA A 229 30.58 -7.04 6.46
CA ALA A 229 31.69 -6.56 7.28
C ALA A 229 32.83 -6.18 6.33
N PHE A 230 33.54 -5.10 6.67
CA PHE A 230 34.60 -4.55 5.83
C PHE A 230 35.82 -4.29 6.67
N ARG A 231 36.98 -4.75 6.20
CA ARG A 231 38.23 -4.42 6.84
C ARG A 231 39.36 -4.22 5.84
N ILE A 232 40.12 -3.15 6.07
CA ILE A 232 41.30 -2.81 5.28
C ILE A 232 42.40 -3.76 5.75
N VAL A 233 42.68 -4.79 4.97
CA VAL A 233 43.75 -5.72 5.31
C VAL A 233 45.10 -5.03 5.16
N ASN A 234 45.70 -4.67 6.29
CA ASN A 234 47.03 -4.08 6.36
C ASN A 234 47.56 -4.39 7.75
N GLU A 235 48.74 -3.87 8.10
CA GLU A 235 49.28 -4.19 9.43
C GLU A 235 50.15 -3.10 10.03
N HIS A 236 49.66 -2.46 11.09
CA HIS A 236 50.41 -1.42 11.78
C HIS A 236 50.95 -0.35 10.84
N ASP A 237 50.23 -0.05 9.75
CA ASP A 237 50.65 1.04 8.88
C ASP A 237 50.86 2.30 9.70
N GLU A 238 52.01 2.95 9.49
CA GLU A 238 52.47 4.03 10.36
C GLU A 238 51.54 5.25 10.41
N HIS A 239 50.56 5.37 9.51
CA HIS A 239 49.60 6.45 9.58
C HIS A 239 48.23 5.86 9.27
N LYS A 240 47.19 6.52 9.75
CA LYS A 240 45.81 6.06 9.56
C LYS A 240 45.15 6.81 8.41
N THR A 241 44.69 6.06 7.40
CA THR A 241 44.01 6.58 6.23
C THR A 241 42.58 6.05 6.24
N LEU A 242 41.63 6.98 6.23
CA LEU A 242 40.20 6.68 6.26
C LEU A 242 39.68 6.38 4.85
N VAL A 243 39.28 5.14 4.61
CA VAL A 243 38.82 4.69 3.29
C VAL A 243 37.29 4.74 3.26
N LYS A 244 36.73 5.80 2.69
CA LYS A 244 35.27 5.88 2.56
C LYS A 244 34.82 4.77 1.60
N ILE A 245 33.87 3.95 2.04
CA ILE A 245 33.28 2.90 1.21
C ILE A 245 31.82 3.22 0.85
N ARG A 246 31.52 3.10 -0.45
CA ARG A 246 30.23 3.44 -1.03
C ARG A 246 29.69 2.15 -1.66
N VAL A 247 28.64 1.59 -1.06
CA VAL A 247 28.07 0.33 -1.52
C VAL A 247 26.85 0.65 -2.36
N TYR A 248 26.79 0.10 -3.57
CA TYR A 248 25.69 0.31 -4.50
C TYR A 248 25.00 -1.02 -4.73
N HIS A 249 23.77 -1.17 -4.20
CA HIS A 249 23.02 -2.40 -4.40
C HIS A 249 22.04 -2.18 -5.55
N ARG A 250 21.93 -3.17 -6.44
CA ARG A 250 20.95 -3.14 -7.53
C ARG A 250 20.08 -4.39 -7.52
N ALA A 251 18.80 -4.19 -7.26
CA ALA A 251 17.85 -5.30 -7.29
C ALA A 251 17.63 -5.74 -8.73
N LYS A 252 17.83 -7.03 -8.98
CA LYS A 252 17.66 -7.62 -10.31
C LYS A 252 16.68 -8.77 -10.20
N HIS A 253 16.05 -9.11 -11.34
CA HIS A 253 14.96 -10.08 -11.34
C HIS A 253 13.89 -9.68 -10.33
N VAL A 254 13.50 -8.40 -10.37
CA VAL A 254 12.51 -7.88 -9.44
C VAL A 254 11.12 -8.40 -9.76
N GLU A 255 10.38 -8.72 -8.69
CA GLU A 255 9.02 -9.23 -8.73
C GLU A 255 8.30 -8.57 -7.57
N ALA A 256 7.03 -8.20 -7.73
CA ALA A 256 6.31 -7.60 -6.61
C ALA A 256 4.86 -8.04 -6.57
N TRP A 257 4.32 -7.98 -5.35
CA TRP A 257 2.99 -8.44 -5.01
C TRP A 257 2.30 -7.45 -4.08
N ILE A 258 1.01 -7.67 -3.91
CA ILE A 258 0.14 -7.04 -2.93
C ILE A 258 0.32 -5.53 -2.91
N PRO A 259 0.06 -4.81 -4.01
CA PRO A 259 0.41 -3.39 -4.01
C PRO A 259 -0.18 -2.72 -2.76
N ARG A 260 0.56 -1.79 -2.20
CA ARG A 260 0.16 -1.14 -0.95
C ARG A 260 -0.12 0.34 -1.21
N ALA A 261 -0.64 1.03 -0.21
CA ALA A 261 -0.87 2.46 -0.33
C ALA A 261 0.48 3.21 -0.29
N PRO A 262 0.68 4.24 -1.11
CA PRO A 262 1.97 4.94 -1.08
C PRO A 262 2.15 5.72 0.23
N ARG A 263 3.40 5.77 0.70
CA ARG A 263 3.68 6.47 1.95
C ARG A 263 3.78 7.98 1.75
N ALA A 264 2.98 8.73 2.53
CA ALA A 264 2.95 10.18 2.41
C ALA A 264 3.85 10.89 3.41
N LEU A 265 3.93 10.39 4.65
CA LEU A 265 4.71 10.92 5.77
C LEU A 265 6.07 10.26 5.94
N PRO A 266 6.99 10.94 6.62
CA PRO A 266 8.33 10.38 6.86
C PRO A 266 8.35 9.18 7.81
N TYR A 267 9.55 8.63 8.02
CA TYR A 267 9.77 7.47 8.87
C TYR A 267 10.39 7.91 10.20
N THR A 268 10.19 7.09 11.24
CA THR A 268 10.78 7.36 12.54
C THR A 268 11.63 6.22 13.10
N SER A 269 11.47 5.00 12.61
CA SER A 269 12.21 3.85 13.13
C SER A 269 12.47 2.91 11.96
N ILE A 270 13.30 1.91 12.20
CA ILE A 270 13.60 0.90 11.19
C ILE A 270 12.77 -0.35 11.43
N GLY A 271 12.04 -0.77 10.40
CA GLY A 271 11.16 -1.92 10.42
C GLY A 271 9.80 -1.70 11.07
N ARG A 272 9.48 -0.49 11.52
CA ARG A 272 8.22 -0.18 12.16
C ARG A 272 7.52 0.98 11.43
N THR A 273 6.19 0.88 11.29
CA THR A 273 5.39 1.88 10.59
C THR A 273 4.95 3.04 11.49
N ASN A 274 5.56 3.20 12.65
CA ASN A 274 5.10 4.20 13.60
C ASN A 274 5.35 5.59 13.04
N TYR A 275 4.31 6.41 12.97
CA TYR A 275 4.46 7.77 12.45
C TYR A 275 4.32 8.81 13.56
N PRO A 276 4.94 9.98 13.40
CA PRO A 276 4.85 10.96 14.49
C PRO A 276 3.41 11.47 14.68
N PRO A 281 -0.04 17.41 8.29
CA PRO A 281 -0.93 17.17 7.15
C PRO A 281 -0.23 17.21 5.80
N VAL A 282 -0.37 16.13 5.03
CA VAL A 282 0.27 16.01 3.73
C VAL A 282 -0.57 16.69 2.66
N ILE A 283 -1.89 16.65 2.82
CA ILE A 283 -2.81 17.26 1.87
C ILE A 283 -2.79 18.77 2.12
N LYS A 284 -2.21 19.51 1.18
CA LYS A 284 -2.01 20.95 1.35
C LYS A 284 -3.30 21.69 1.12
N LYS A 285 -3.52 22.75 1.90
CA LYS A 285 -4.77 23.49 1.81
C LYS A 285 -4.75 24.37 0.58
N ARG A 286 -5.90 24.52 -0.06
CA ARG A 286 -6.00 25.33 -1.26
C ARG A 286 -5.66 26.79 -0.96
N ASP A 289 -10.42 28.47 -1.91
CA ASP A 289 -11.38 27.51 -1.37
C ASP A 289 -11.49 26.29 -2.29
N ILE A 290 -12.40 25.38 -1.92
CA ILE A 290 -12.60 24.12 -2.63
C ILE A 290 -13.14 24.36 -4.04
N LYS A 291 -13.83 25.48 -4.28
CA LYS A 291 -14.37 25.73 -5.61
C LYS A 291 -13.39 26.50 -6.49
N SER A 292 -12.38 27.15 -5.92
CA SER A 292 -11.48 27.95 -6.73
C SER A 292 -10.58 27.00 -7.52
N TYR A 293 -10.44 27.27 -8.81
CA TYR A 293 -9.60 26.47 -9.69
C TYR A 293 -8.12 26.59 -9.29
N THR B 6 42.52 -1.98 -24.44
CA THR B 6 41.34 -1.52 -23.73
C THR B 6 40.83 -0.20 -24.29
N LEU B 7 39.53 -0.13 -24.53
CA LEU B 7 38.90 1.05 -25.09
C LEU B 7 38.66 2.09 -24.00
N PRO B 8 38.34 3.33 -24.38
CA PRO B 8 38.08 4.36 -23.37
C PRO B 8 36.88 3.98 -22.50
N GLY B 9 36.95 4.38 -21.23
CA GLY B 9 35.88 4.07 -20.31
C GLY B 9 35.90 2.63 -19.84
N SER B 10 37.09 2.08 -19.60
CA SER B 10 37.28 0.74 -19.09
C SER B 10 37.70 0.82 -17.63
N GLY B 11 37.10 -0.02 -16.80
CA GLY B 11 37.33 0.04 -15.37
C GLY B 11 36.51 1.10 -14.67
N GLN B 12 35.58 1.74 -15.36
CA GLN B 12 34.62 2.65 -14.77
C GLN B 12 33.43 1.86 -14.25
N PHE B 13 32.70 2.47 -13.31
CA PHE B 13 31.48 1.87 -12.78
C PHE B 13 30.27 2.74 -13.14
N LEU B 14 29.69 2.46 -14.30
CA LEU B 14 28.49 3.17 -14.73
C LEU B 14 27.30 2.54 -14.02
N THR B 15 26.62 3.32 -13.17
CA THR B 15 25.53 2.74 -12.38
C THR B 15 24.38 2.23 -13.23
N THR B 16 24.19 2.76 -14.44
CA THR B 16 23.11 2.29 -15.32
C THR B 16 23.54 1.15 -16.23
N ASP B 17 24.76 0.64 -16.07
CA ASP B 17 25.26 -0.47 -16.88
C ASP B 17 24.96 -1.78 -16.14
N ASP B 18 23.87 -2.45 -16.51
CA ASP B 18 23.53 -3.74 -15.92
C ASP B 18 24.35 -4.85 -16.58
N ARG B 19 25.21 -5.50 -15.80
CA ARG B 19 26.07 -6.56 -16.30
C ARG B 19 25.92 -7.81 -15.45
N GLN B 20 26.19 -8.96 -16.06
CA GLN B 20 26.25 -10.21 -15.32
C GLN B 20 27.49 -10.21 -14.43
N SER B 21 27.41 -10.90 -13.31
CA SER B 21 28.48 -10.90 -12.33
C SER B 21 28.65 -12.28 -11.72
N PRO B 22 29.83 -12.58 -11.19
CA PRO B 22 30.04 -13.88 -10.54
C PRO B 22 29.27 -13.98 -9.24
N SER B 23 28.58 -15.09 -9.05
CA SER B 23 27.83 -15.30 -7.83
C SER B 23 28.78 -15.72 -6.71
N ALA B 24 28.57 -15.14 -5.52
CA ALA B 24 29.42 -15.48 -4.38
C ALA B 24 29.03 -16.81 -3.75
N LEU B 25 27.79 -17.27 -3.97
CA LEU B 25 27.31 -18.55 -3.45
C LEU B 25 26.70 -19.30 -4.63
N PRO B 26 27.54 -19.91 -5.47
CA PRO B 26 27.02 -20.55 -6.70
C PRO B 26 26.31 -21.87 -6.46
N ASN B 27 26.53 -22.51 -5.31
CA ASN B 27 25.90 -23.78 -4.99
C ASN B 27 24.57 -23.63 -4.27
N TYR B 28 24.40 -22.54 -3.50
CA TYR B 28 23.16 -22.34 -2.76
C TYR B 28 21.95 -22.26 -3.68
N GLU B 29 21.05 -23.23 -3.50
CA GLU B 29 19.81 -23.29 -4.25
C GLU B 29 18.79 -22.55 -3.39
N PRO B 30 18.29 -21.38 -3.79
CA PRO B 30 17.41 -20.63 -2.90
C PRO B 30 16.06 -21.31 -2.81
N THR B 31 15.27 -20.87 -1.85
CA THR B 31 13.96 -21.48 -1.69
C THR B 31 13.14 -21.24 -2.95
N PRO B 32 12.48 -22.26 -3.50
CA PRO B 32 11.80 -22.07 -4.78
C PRO B 32 10.65 -21.08 -4.68
N ARG B 33 10.42 -20.37 -5.78
CA ARG B 33 9.39 -19.34 -5.89
C ARG B 33 8.04 -19.96 -6.23
N ILE B 34 7.05 -19.71 -5.38
CA ILE B 34 5.68 -20.17 -5.57
C ILE B 34 4.86 -18.96 -6.03
N HIS B 35 3.66 -19.25 -6.54
CA HIS B 35 2.74 -18.22 -6.98
C HIS B 35 1.92 -17.67 -5.82
N ILE B 36 2.34 -16.51 -5.31
CA ILE B 36 1.59 -15.64 -4.42
C ILE B 36 0.60 -14.82 -5.24
N PRO B 37 -0.65 -14.68 -4.81
CA PRO B 37 -1.62 -13.94 -5.64
C PRO B 37 -1.37 -12.44 -5.61
N GLY B 38 -1.97 -11.77 -6.59
CA GLY B 38 -1.93 -10.32 -6.76
C GLY B 38 -0.61 -9.75 -7.24
N LYS B 39 0.07 -10.44 -8.16
CA LYS B 39 1.31 -9.94 -8.71
C LYS B 39 1.02 -8.74 -9.61
N VAL B 40 1.82 -7.68 -9.48
CA VAL B 40 1.75 -6.51 -10.35
C VAL B 40 2.97 -6.54 -11.27
N HIS B 41 2.73 -6.74 -12.57
CA HIS B 41 3.81 -6.72 -13.54
C HIS B 41 4.05 -5.33 -14.10
N ASN B 42 3.02 -4.49 -14.12
CA ASN B 42 3.08 -3.22 -14.80
C ASN B 42 2.33 -2.22 -13.94
N LEU B 43 2.89 -1.02 -13.81
CA LEU B 43 2.24 -0.04 -12.96
C LEU B 43 0.95 0.48 -13.56
N LEU B 44 0.73 0.24 -14.86
CA LEU B 44 -0.53 0.60 -15.50
C LEU B 44 -1.66 -0.34 -15.12
N GLU B 45 -1.34 -1.40 -14.38
CA GLU B 45 -2.35 -2.32 -13.86
C GLU B 45 -3.04 -1.76 -12.62
N ILE B 46 -2.32 -0.98 -11.82
CA ILE B 46 -2.82 -0.49 -10.55
C ILE B 46 -3.29 0.97 -10.59
N ILE B 47 -2.86 1.75 -11.58
CA ILE B 47 -3.45 3.07 -11.76
C ILE B 47 -4.79 2.97 -12.48
N GLN B 48 -5.19 1.78 -12.92
CA GLN B 48 -6.49 1.55 -13.51
C GLN B 48 -7.55 1.51 -12.42
N VAL B 49 -7.15 1.19 -11.19
CA VAL B 49 -8.03 1.12 -10.04
C VAL B 49 -8.29 2.54 -9.54
N ASP B 50 -9.56 2.89 -9.41
CA ASP B 50 -9.96 4.21 -8.97
C ASP B 50 -9.79 4.41 -7.46
N THR B 51 -9.20 5.54 -7.08
CA THR B 51 -8.95 5.90 -5.70
C THR B 51 -9.56 7.26 -5.41
N LEU B 52 -9.89 7.48 -4.14
CA LEU B 52 -10.52 8.73 -3.72
C LEU B 52 -9.58 9.92 -3.93
N ILE B 53 -10.17 11.08 -4.18
CA ILE B 53 -9.45 12.34 -4.34
C ILE B 53 -9.67 13.18 -3.10
N PRO B 54 -8.60 13.68 -2.43
CA PRO B 54 -8.85 14.55 -1.27
C PRO B 54 -9.15 15.93 -1.87
N MET B 55 -10.36 16.10 -2.36
CA MET B 55 -10.73 17.32 -3.07
C MET B 55 -11.03 18.49 -2.16
N ASN B 56 -11.39 18.23 -0.90
CA ASN B 56 -11.74 19.29 0.04
C ASN B 56 -10.53 19.75 0.84
N ASN B 57 -9.55 20.28 0.12
CA ASN B 57 -8.35 20.70 0.83
C ASN B 57 -8.61 21.93 1.69
N THR B 58 -9.83 22.48 1.70
CA THR B 58 -10.08 23.68 2.50
C THR B 58 -10.10 23.33 3.98
N HIS B 59 -9.87 22.06 4.31
CA HIS B 59 -9.82 21.63 5.69
C HIS B 59 -8.39 21.79 6.18
N THR B 60 -8.25 22.16 7.44
CA THR B 60 -6.93 22.48 7.93
C THR B 60 -6.17 21.24 8.39
N LYS B 61 -6.85 20.11 8.55
CA LYS B 61 -6.20 18.87 8.89
C LYS B 61 -6.75 17.73 8.03
N ASP B 62 -6.00 16.65 7.93
CA ASP B 62 -6.42 15.53 7.11
C ASP B 62 -7.34 14.64 7.95
N GLU B 63 -8.48 14.26 7.41
CA GLU B 63 -9.40 13.38 8.12
C GLU B 63 -10.29 12.77 7.04
N VAL B 64 -11.14 11.81 7.40
CA VAL B 64 -11.94 11.18 6.35
C VAL B 64 -12.87 12.19 5.68
N ASN B 65 -13.23 13.27 6.36
CA ASN B 65 -14.09 14.28 5.74
C ASN B 65 -13.40 14.95 4.56
N SER B 66 -12.07 14.86 4.50
CA SER B 66 -11.27 15.44 3.42
C SER B 66 -11.52 14.76 2.10
N TYR B 67 -12.07 13.54 2.11
CA TYR B 67 -12.43 12.82 0.91
C TYR B 67 -13.83 13.18 0.44
N LEU B 68 -14.54 13.96 1.23
CA LEU B 68 -15.92 14.34 0.98
C LEU B 68 -16.00 15.75 0.43
N ILE B 69 -16.59 15.88 -0.75
CA ILE B 69 -16.87 17.18 -1.37
C ILE B 69 -18.25 17.61 -0.88
N PRO B 70 -18.37 18.65 -0.06
CA PRO B 70 -19.72 18.98 0.43
C PRO B 70 -20.60 19.67 -0.60
N LEU B 71 -21.84 19.19 -0.63
CA LEU B 71 -22.93 19.68 -1.44
C LEU B 71 -24.01 20.21 -0.50
N ASN B 72 -24.72 21.26 -0.88
CA ASN B 72 -25.63 21.91 0.04
C ASN B 72 -26.97 22.15 -0.67
N ALA B 73 -28.06 21.97 0.08
CA ALA B 73 -29.39 22.23 -0.44
C ALA B 73 -29.66 23.72 -0.57
N ASN B 74 -30.69 24.03 -1.36
CA ASN B 74 -31.09 25.41 -1.62
C ASN B 74 -29.94 26.16 -2.28
N ARG B 75 -29.35 25.51 -3.27
CA ARG B 75 -28.25 26.08 -4.06
C ARG B 75 -28.52 25.80 -5.53
N GLN B 76 -28.76 26.86 -6.31
CA GLN B 76 -28.89 26.73 -7.76
C GLN B 76 -27.89 27.67 -8.40
N ASN B 77 -27.29 27.19 -9.48
CA ASN B 77 -26.27 27.88 -10.27
C ASN B 77 -24.97 28.14 -9.52
N GLU B 78 -24.80 27.67 -8.28
CA GLU B 78 -23.51 27.81 -7.64
C GLU B 78 -22.55 26.71 -8.12
N GLN B 79 -21.31 26.78 -7.65
CA GLN B 79 -20.30 25.80 -8.01
C GLN B 79 -20.11 24.80 -6.88
N VAL B 80 -20.07 23.52 -7.22
CA VAL B 80 -19.89 22.49 -6.21
C VAL B 80 -18.41 22.38 -5.84
N PHE B 81 -17.59 21.97 -6.81
CA PHE B 81 -16.15 21.89 -6.69
C PHE B 81 -15.50 22.32 -8.00
N GLY B 82 -14.19 22.43 -7.98
CA GLY B 82 -13.45 22.82 -9.16
C GLY B 82 -11.99 22.47 -9.01
N THR B 83 -11.36 21.92 -10.04
CA THR B 83 -9.98 21.51 -9.91
C THR B 83 -9.19 21.66 -11.20
N ASN B 84 -7.88 21.87 -11.02
CA ASN B 84 -6.89 21.85 -12.08
C ASN B 84 -6.42 20.42 -12.34
N LEU B 85 -5.62 20.26 -13.38
CA LEU B 85 -5.15 18.93 -13.73
C LEU B 85 -3.64 18.82 -13.58
N PHE B 86 -3.06 19.57 -12.63
CA PHE B 86 -1.63 19.46 -12.38
C PHE B 86 -1.41 18.13 -11.67
N ILE B 87 -0.69 17.19 -12.30
CA ILE B 87 -0.60 15.88 -11.66
C ILE B 87 0.64 15.78 -10.77
N GLY B 88 1.28 16.90 -10.46
CA GLY B 88 2.42 16.82 -9.56
C GLY B 88 2.34 17.66 -8.28
N ASP B 89 1.36 18.55 -8.20
CA ASP B 89 1.17 19.40 -7.02
C ASP B 89 -0.31 19.67 -6.82
N GLY B 90 -0.65 20.21 -5.65
CA GLY B 90 -2.01 20.54 -5.31
C GLY B 90 -2.84 19.37 -4.82
N VAL B 91 -4.08 19.23 -5.31
CA VAL B 91 -4.92 18.15 -4.80
C VAL B 91 -4.51 16.77 -5.30
N PHE B 92 -3.85 16.66 -6.45
CA PHE B 92 -3.55 15.33 -6.98
C PHE B 92 -2.23 14.76 -6.50
N LYS B 93 -1.44 15.54 -5.77
CA LYS B 93 -0.10 15.11 -5.41
C LYS B 93 -0.10 13.88 -4.48
N THR B 94 -1.16 13.70 -3.69
CA THR B 94 -1.21 12.58 -2.75
C THR B 94 -2.08 11.42 -3.20
N THR B 95 -2.79 11.56 -4.32
CA THR B 95 -3.59 10.44 -4.78
C THR B 95 -2.65 9.39 -5.36
N LEU B 96 -3.19 8.23 -5.70
CA LEU B 96 -2.34 7.19 -6.25
C LEU B 96 -1.76 7.64 -7.59
N LEU B 97 -2.54 8.41 -8.35
CA LEU B 97 -2.03 8.99 -9.58
C LEU B 97 -0.88 9.96 -9.32
N GLY B 98 -1.06 10.92 -8.42
CA GLY B 98 0.03 11.86 -8.22
C GLY B 98 1.19 11.29 -7.43
N GLU B 99 0.97 10.16 -6.76
CA GLU B 99 2.04 9.48 -6.02
C GLU B 99 2.89 8.60 -6.92
N ILE B 100 2.36 8.11 -8.05
CA ILE B 100 3.22 7.37 -8.96
C ILE B 100 3.68 8.28 -10.10
N VAL B 101 2.83 9.23 -10.49
CA VAL B 101 3.16 10.19 -11.54
C VAL B 101 4.33 11.09 -11.15
N GLN B 102 4.44 11.46 -9.87
CA GLN B 102 5.55 12.33 -9.48
C GLN B 102 6.90 11.62 -9.42
N TYR B 103 6.95 10.31 -9.62
CA TYR B 103 8.23 9.62 -9.80
C TYR B 103 8.78 9.78 -11.21
N TYR B 104 7.97 10.21 -12.17
CA TYR B 104 8.39 10.41 -13.54
C TYR B 104 8.26 11.89 -13.93
N THR B 105 8.68 12.19 -15.16
CA THR B 105 8.69 13.53 -15.73
C THR B 105 7.56 13.80 -16.73
N HIS B 106 7.25 12.86 -17.62
CA HIS B 106 6.25 13.06 -18.66
C HIS B 106 5.16 11.98 -18.58
N TRP B 107 3.91 12.44 -18.49
CA TRP B 107 2.72 11.58 -18.38
C TRP B 107 1.78 11.85 -19.56
N SER B 108 1.86 11.04 -20.61
CA SER B 108 0.97 11.17 -21.76
C SER B 108 -0.08 10.05 -21.75
N GLY B 109 -1.32 10.36 -21.40
CA GLY B 109 -2.33 9.31 -21.32
C GLY B 109 -3.71 9.80 -20.95
N SER B 110 -4.69 8.96 -21.27
CA SER B 110 -6.10 9.28 -21.06
C SER B 110 -6.54 8.90 -19.65
N LEU B 111 -7.39 9.75 -19.05
CA LEU B 111 -7.92 9.56 -17.70
C LEU B 111 -9.40 9.18 -17.71
N ARG B 112 -9.82 8.54 -16.62
CA ARG B 112 -11.21 8.15 -16.37
C ARG B 112 -11.53 8.79 -15.03
N PHE B 113 -12.35 9.83 -15.05
CA PHE B 113 -12.70 10.58 -13.84
C PHE B 113 -14.13 10.23 -13.46
N SER B 114 -14.32 9.77 -12.21
CA SER B 114 -15.61 9.32 -11.71
C SER B 114 -16.02 10.00 -10.42
N LEU B 115 -17.34 10.08 -10.21
CA LEU B 115 -17.97 10.61 -9.00
C LEU B 115 -19.05 9.64 -8.51
N MET B 116 -19.36 9.73 -7.21
CA MET B 116 -20.40 8.90 -6.60
C MET B 116 -21.18 9.70 -5.56
N TYR B 117 -22.51 9.80 -5.74
CA TYR B 117 -23.36 10.53 -4.80
C TYR B 117 -23.77 9.61 -3.65
N THR B 118 -23.62 10.07 -2.40
CA THR B 118 -23.95 9.29 -1.22
C THR B 118 -25.16 9.85 -0.44
N GLY B 119 -25.97 10.73 -1.03
CA GLY B 119 -27.08 11.29 -0.32
C GLY B 119 -28.23 10.33 -0.10
N PRO B 120 -29.29 10.83 0.55
CA PRO B 120 -30.45 10.00 0.87
C PRO B 120 -31.20 9.57 -0.38
N ALA B 121 -32.02 8.52 -0.20
CA ALA B 121 -32.73 7.99 -1.35
C ALA B 121 -33.80 8.95 -1.84
N LEU B 122 -34.20 9.91 -1.03
CA LEU B 122 -35.20 10.89 -1.45
C LEU B 122 -34.60 12.11 -2.14
N SER B 123 -33.31 12.38 -1.94
CA SER B 123 -32.66 13.53 -2.57
C SER B 123 -32.34 13.30 -4.03
N SER B 124 -32.35 14.39 -4.80
CA SER B 124 -32.02 14.40 -6.22
C SER B 124 -31.46 15.77 -6.58
N ALA B 125 -30.56 15.79 -7.57
CA ALA B 125 -30.06 17.07 -8.07
C ALA B 125 -29.46 16.89 -9.46
N LYS B 126 -29.37 18.00 -10.19
CA LYS B 126 -28.73 18.01 -11.50
C LYS B 126 -27.47 18.85 -11.42
N LEU B 127 -26.35 18.20 -11.68
CA LEU B 127 -25.03 18.78 -11.69
C LEU B 127 -24.49 18.79 -13.12
N ILE B 128 -23.78 19.84 -13.49
CA ILE B 128 -23.20 19.92 -14.82
C ILE B 128 -21.72 19.63 -14.64
N LEU B 129 -21.23 18.63 -15.35
CA LEU B 129 -19.82 18.27 -15.32
C LEU B 129 -19.28 18.73 -16.67
N ALA B 130 -18.77 19.96 -16.68
CA ALA B 130 -18.22 20.56 -17.89
C ALA B 130 -16.72 20.35 -17.91
N TYR B 131 -16.20 19.89 -19.05
CA TYR B 131 -14.76 19.68 -19.20
C TYR B 131 -14.21 20.74 -20.14
N THR B 132 -13.36 21.63 -19.62
CA THR B 132 -12.72 22.65 -20.43
C THR B 132 -11.33 22.21 -20.82
N PRO B 133 -11.00 22.08 -22.11
CA PRO B 133 -9.68 21.57 -22.49
C PRO B 133 -8.61 22.62 -22.23
N PRO B 134 -7.34 22.24 -22.30
CA PRO B 134 -6.27 23.22 -22.05
C PRO B 134 -6.27 24.33 -23.10
N GLY B 135 -5.89 25.54 -22.66
CA GLY B 135 -5.86 26.71 -23.51
C GLY B 135 -7.02 27.67 -23.34
N ALA B 136 -8.16 27.21 -22.84
CA ALA B 136 -9.30 28.09 -22.56
C ALA B 136 -9.31 28.45 -21.09
N ARG B 137 -10.17 29.39 -20.72
CA ARG B 137 -10.28 29.75 -19.31
C ARG B 137 -11.47 29.00 -18.73
N GLY B 138 -11.30 28.50 -17.50
CA GLY B 138 -12.33 27.73 -16.86
C GLY B 138 -13.60 28.52 -16.65
N PRO B 139 -14.75 27.88 -16.74
CA PRO B 139 -16.00 28.64 -16.64
C PRO B 139 -16.17 29.15 -15.22
N GLN B 140 -16.85 30.28 -15.10
CA GLN B 140 -17.07 30.91 -13.82
C GLN B 140 -18.55 31.10 -13.59
N ASP B 141 -19.37 30.60 -14.51
CA ASP B 141 -20.81 30.57 -14.36
C ASP B 141 -21.33 29.29 -15.00
N ARG B 142 -22.57 28.95 -14.64
CA ARG B 142 -23.22 27.76 -15.18
C ARG B 142 -23.49 27.86 -16.68
N ARG B 143 -23.68 29.05 -17.24
CA ARG B 143 -24.01 29.09 -18.67
C ARG B 143 -22.83 28.79 -19.59
N GLU B 144 -21.64 29.29 -19.28
CA GLU B 144 -20.49 28.98 -20.12
C GLU B 144 -20.16 27.49 -20.03
N ALA B 145 -20.40 26.89 -18.86
CA ALA B 145 -20.17 25.46 -18.69
C ALA B 145 -21.21 24.60 -19.43
N MET B 146 -22.50 24.98 -19.37
CA MET B 146 -23.51 24.20 -20.06
C MET B 146 -23.40 24.36 -21.57
N LEU B 147 -22.91 25.50 -22.04
CA LEU B 147 -22.76 25.72 -23.48
C LEU B 147 -21.60 24.92 -24.04
N GLY B 148 -20.78 24.32 -23.18
CA GLY B 148 -19.67 23.53 -23.60
C GLY B 148 -19.96 22.04 -23.55
N THR B 149 -18.90 21.26 -23.44
CA THR B 149 -19.01 19.82 -23.33
C THR B 149 -19.34 19.42 -21.89
N HIS B 150 -20.42 18.66 -21.72
CA HIS B 150 -20.88 18.26 -20.40
C HIS B 150 -21.76 17.02 -20.52
N VAL B 151 -22.01 16.42 -19.36
CA VAL B 151 -22.95 15.32 -19.17
C VAL B 151 -23.93 15.72 -18.09
N VAL B 152 -25.23 15.64 -18.39
CA VAL B 152 -26.25 15.96 -17.41
C VAL B 152 -26.54 14.68 -16.63
N TRP B 153 -25.95 14.60 -15.44
CA TRP B 153 -26.02 13.44 -14.58
C TRP B 153 -27.10 13.72 -13.55
N ASP B 154 -28.17 12.96 -13.58
CA ASP B 154 -29.21 13.12 -12.57
C ASP B 154 -28.81 12.32 -11.34
N ILE B 155 -28.33 13.01 -10.31
CA ILE B 155 -27.99 12.32 -9.07
C ILE B 155 -29.17 11.57 -8.49
N GLY B 156 -30.40 12.10 -8.63
CA GLY B 156 -31.53 11.41 -8.05
C GLY B 156 -31.75 10.05 -8.67
N LEU B 157 -31.54 9.91 -9.98
CA LEU B 157 -31.77 8.65 -10.66
C LEU B 157 -30.54 7.75 -10.63
N GLN B 158 -29.42 8.23 -11.18
CA GLN B 158 -28.18 7.47 -11.32
C GLN B 158 -27.17 8.01 -10.31
N SER B 159 -26.82 7.19 -9.32
CA SER B 159 -25.95 7.58 -8.22
C SER B 159 -24.46 7.57 -8.59
N THR B 160 -24.07 7.01 -9.73
CA THR B 160 -22.67 6.96 -10.13
C THR B 160 -22.53 7.28 -11.62
N ILE B 161 -21.67 8.24 -11.92
CA ILE B 161 -21.31 8.60 -13.29
C ILE B 161 -19.82 8.45 -13.53
N VAL B 162 -19.48 7.99 -14.73
CA VAL B 162 -18.10 7.80 -15.15
C VAL B 162 -17.92 8.60 -16.43
N MET B 163 -16.91 9.46 -16.45
CA MET B 163 -16.64 10.40 -17.54
C MET B 163 -15.25 10.08 -18.07
N THR B 164 -15.14 9.88 -19.37
CA THR B 164 -13.84 9.65 -19.99
C THR B 164 -13.23 10.98 -20.42
N ILE B 165 -12.16 11.37 -19.73
CA ILE B 165 -11.41 12.58 -20.08
C ILE B 165 -10.57 12.32 -21.33
N PRO B 166 -10.58 13.23 -22.30
CA PRO B 166 -9.89 12.99 -23.58
C PRO B 166 -8.39 12.83 -23.35
N TRP B 167 -7.70 12.33 -24.37
CA TRP B 167 -6.26 12.17 -24.29
C TRP B 167 -5.63 13.55 -24.10
N THR B 168 -4.73 13.69 -23.12
CA THR B 168 -4.25 15.01 -22.71
C THR B 168 -2.79 15.26 -23.06
N SER B 169 -1.89 14.37 -22.68
CA SER B 169 -0.45 14.63 -22.85
C SER B 169 -0.05 15.93 -22.18
N ALA B 184 -3.95 23.03 -19.10
CA ALA B 184 -4.09 21.62 -18.77
C ALA B 184 -5.57 21.22 -18.71
N GLY B 185 -6.44 22.22 -18.80
CA GLY B 185 -7.88 22.03 -18.79
C GLY B 185 -8.48 22.20 -17.41
N PHE B 186 -9.78 22.44 -17.38
CA PHE B 186 -10.51 22.67 -16.14
C PHE B 186 -11.70 21.73 -16.03
N LEU B 187 -12.26 21.66 -14.83
CA LEU B 187 -13.40 20.81 -14.52
C LEU B 187 -14.22 21.49 -13.43
N SER B 188 -15.46 21.84 -13.76
CA SER B 188 -16.35 22.53 -12.82
C SER B 188 -17.63 21.73 -12.64
N CYS B 189 -18.37 22.07 -11.58
CA CYS B 189 -19.65 21.42 -11.32
C CYS B 189 -20.66 22.46 -10.88
N TRP B 190 -21.84 22.45 -11.51
CA TRP B 190 -22.87 23.45 -11.22
C TRP B 190 -24.23 22.79 -11.03
N TYR B 191 -25.05 23.37 -10.16
CA TYR B 191 -26.43 22.92 -9.96
C TYR B 191 -27.32 23.47 -11.05
N GLN B 192 -27.80 22.62 -11.95
CA GLN B 192 -28.76 23.09 -12.94
C GLN B 192 -30.09 23.43 -12.25
N THR B 193 -30.64 22.51 -11.45
CA THR B 193 -31.88 22.73 -10.71
C THR B 193 -31.49 22.80 -9.22
N SER B 194 -32.39 23.32 -8.38
CA SER B 194 -32.13 23.28 -6.95
C SER B 194 -32.16 21.86 -6.39
N LEU B 195 -31.41 21.67 -5.30
CA LEU B 195 -31.39 20.38 -4.60
C LEU B 195 -32.65 20.30 -3.76
N ILE B 196 -33.47 19.28 -4.02
CA ILE B 196 -34.70 19.04 -3.25
C ILE B 196 -34.32 18.14 -2.09
N LEU B 197 -34.46 18.66 -0.85
CA LEU B 197 -34.11 17.88 0.32
C LEU B 197 -35.27 17.05 0.87
N PRO B 198 -34.96 15.99 1.59
CA PRO B 198 -35.99 15.18 2.27
C PRO B 198 -36.66 15.92 3.40
N PRO B 199 -37.87 15.48 3.83
CA PRO B 199 -38.57 16.17 4.90
C PRO B 199 -37.83 16.08 6.23
N GLN B 204 -26.58 18.74 5.35
CA GLN B 204 -25.44 18.70 4.46
C GLN B 204 -25.36 17.32 3.80
N VAL B 205 -25.06 17.31 2.50
CA VAL B 205 -24.88 16.08 1.72
C VAL B 205 -23.45 16.07 1.20
N TYR B 206 -22.97 14.88 0.85
CA TYR B 206 -21.58 14.73 0.45
C TYR B 206 -21.48 14.06 -0.91
N LEU B 207 -20.45 14.41 -1.64
CA LEU B 207 -20.09 13.84 -2.94
C LEU B 207 -18.77 13.09 -2.85
N LEU B 208 -18.66 11.96 -3.54
CA LEU B 208 -17.42 11.19 -3.53
C LEU B 208 -16.83 11.18 -4.92
N SER B 209 -15.58 11.65 -5.03
CA SER B 209 -14.87 11.72 -6.28
C SER B 209 -13.77 10.66 -6.33
N PHE B 210 -13.60 10.05 -7.51
CA PHE B 210 -12.62 9.00 -7.75
C PHE B 210 -11.81 9.37 -8.98
N ILE B 211 -10.55 8.98 -8.99
CA ILE B 211 -9.65 9.20 -10.12
C ILE B 211 -8.97 7.89 -10.50
N SER B 212 -8.75 7.71 -11.80
CA SER B 212 -8.00 6.55 -12.28
C SER B 212 -7.33 6.92 -13.61
N ALA B 213 -6.68 5.94 -14.22
CA ALA B 213 -6.01 6.11 -15.51
C ALA B 213 -6.59 5.15 -16.53
N CYS B 214 -6.72 5.62 -17.77
CA CYS B 214 -7.15 4.74 -18.84
C CYS B 214 -5.97 3.82 -19.21
N PRO B 215 -6.23 2.71 -19.89
CA PRO B 215 -5.14 1.78 -20.23
C PRO B 215 -4.11 2.34 -21.21
N ASP B 216 -4.33 3.52 -21.78
CA ASP B 216 -3.39 4.15 -22.70
C ASP B 216 -2.38 5.07 -22.03
N PHE B 217 -2.23 5.01 -20.71
CA PHE B 217 -1.40 5.95 -19.98
C PHE B 217 0.05 5.48 -19.97
N LYS B 218 0.90 6.17 -20.72
CA LYS B 218 2.33 5.88 -20.79
C LYS B 218 3.05 6.61 -19.66
N LEU B 219 4.27 6.15 -19.35
CA LEU B 219 5.08 6.84 -18.36
C LEU B 219 6.54 6.71 -18.76
N ARG B 220 7.29 7.82 -18.69
CA ARG B 220 8.68 7.81 -19.14
C ARG B 220 9.56 8.76 -18.34
N LEU B 221 10.87 8.49 -18.43
CA LEU B 221 11.94 9.23 -17.75
C LEU B 221 11.83 9.22 -16.22
N MET B 222 11.66 8.03 -15.65
CA MET B 222 11.43 7.92 -14.21
C MET B 222 12.40 8.80 -13.42
N LYS B 223 11.87 9.63 -12.53
CA LYS B 223 12.68 10.58 -11.80
C LYS B 223 12.65 10.21 -10.32
N ASP B 224 13.37 10.96 -9.48
CA ASP B 224 13.39 10.73 -8.05
C ASP B 224 13.09 12.05 -7.34
N THR B 225 11.97 12.12 -6.63
CA THR B 225 11.71 13.32 -5.86
C THR B 225 12.64 13.39 -4.67
N GLN B 226 13.07 14.59 -4.32
CA GLN B 226 13.89 14.78 -3.13
C GLN B 226 13.20 15.70 -2.12
N VAL C 13 -30.64 -17.57 -4.83
CA VAL C 13 -31.03 -16.16 -4.83
C VAL C 13 -30.57 -15.43 -3.56
N GLN C 14 -31.23 -15.68 -2.42
CA GLN C 14 -30.97 -14.94 -1.18
C GLN C 14 -30.82 -15.84 0.05
N GLN C 15 -30.57 -17.14 -0.12
CA GLN C 15 -30.49 -18.10 1.00
C GLN C 15 -29.22 -18.95 0.91
N ILE C 16 -28.06 -18.29 0.97
CA ILE C 16 -26.79 -19.00 0.88
C ILE C 16 -26.69 -19.95 2.06
N THR C 17 -26.71 -21.25 1.79
CA THR C 17 -26.60 -22.30 2.80
C THR C 17 -25.19 -22.88 2.81
N LEU C 18 -24.56 -22.86 3.99
CA LEU C 18 -23.20 -23.36 4.19
C LEU C 18 -23.18 -24.25 5.44
N GLY C 19 -23.09 -25.56 5.24
CA GLY C 19 -23.08 -26.52 6.36
C GLY C 19 -24.42 -26.74 7.08
N ASN C 20 -24.36 -26.70 8.41
CA ASN C 20 -25.50 -26.84 9.31
C ASN C 20 -26.18 -25.50 9.60
N SER C 21 -25.65 -24.40 9.08
CA SER C 21 -26.15 -23.07 9.33
C SER C 21 -26.82 -22.55 8.07
N THR C 22 -27.72 -21.59 8.25
CA THR C 22 -28.37 -20.97 7.11
C THR C 22 -28.64 -19.52 7.45
N ILE C 23 -28.35 -18.66 6.48
CA ILE C 23 -28.47 -17.21 6.59
C ILE C 23 -29.34 -16.72 5.43
N THR C 24 -29.86 -15.52 5.60
CA THR C 24 -30.70 -14.87 4.59
C THR C 24 -29.98 -13.65 4.05
N THR C 25 -29.88 -13.58 2.72
CA THR C 25 -29.14 -12.54 2.04
C THR C 25 -29.83 -12.21 0.73
N VAL C 32 -17.15 -9.36 -5.16
CA VAL C 32 -15.84 -8.77 -5.38
C VAL C 32 -14.78 -9.76 -4.97
N VAL C 33 -14.22 -10.48 -5.94
CA VAL C 33 -13.17 -11.46 -5.66
C VAL C 33 -11.85 -10.70 -5.45
N CYS C 34 -11.23 -10.91 -4.29
CA CYS C 34 -9.96 -10.26 -3.98
C CYS C 34 -8.82 -10.81 -4.84
N TYR C 35 -8.15 -9.90 -5.53
CA TYR C 35 -7.00 -10.19 -6.39
C TYR C 35 -7.31 -11.23 -7.45
N ALA C 36 -8.58 -11.43 -7.77
CA ALA C 36 -8.99 -12.36 -8.83
C ALA C 36 -8.28 -13.71 -8.69
N GLU C 37 -7.99 -14.14 -7.46
CA GLU C 37 -7.35 -15.43 -7.24
C GLU C 37 -8.26 -16.18 -6.26
N TRP C 38 -8.95 -17.20 -6.77
CA TRP C 38 -9.91 -17.90 -5.93
C TRP C 38 -9.20 -18.76 -4.89
N PRO C 39 -9.74 -18.85 -3.67
CA PRO C 39 -9.07 -19.66 -2.64
C PRO C 39 -9.06 -21.11 -3.09
N GLU C 40 -7.93 -21.79 -2.89
CA GLU C 40 -7.81 -23.16 -3.40
C GLU C 40 -6.82 -23.94 -2.54
N TYR C 41 -7.06 -25.25 -2.48
CA TYR C 41 -6.26 -26.15 -1.67
C TYR C 41 -4.85 -26.29 -2.21
N LEU C 42 -3.97 -26.80 -1.36
CA LEU C 42 -2.57 -27.02 -1.69
C LEU C 42 -2.41 -28.28 -2.55
N SER C 59 -15.81 -29.12 5.69
CA SER C 59 -15.12 -29.57 6.89
C SER C 59 -15.35 -28.58 8.03
N VAL C 60 -14.94 -27.32 7.85
CA VAL C 60 -15.15 -26.27 8.84
C VAL C 60 -15.80 -25.03 8.23
N CYS C 61 -16.28 -25.14 6.99
CA CYS C 61 -16.85 -24.01 6.25
C CYS C 61 -18.27 -23.72 6.72
N ARG C 62 -18.42 -22.73 7.60
CA ARG C 62 -19.73 -22.31 8.08
C ARG C 62 -19.75 -20.81 8.35
N PHE C 63 -20.96 -20.24 8.41
CA PHE C 63 -21.13 -18.80 8.62
C PHE C 63 -21.07 -18.48 10.10
N TYR C 64 -20.07 -17.69 10.50
CA TYR C 64 -19.97 -17.24 11.88
C TYR C 64 -20.49 -15.81 11.93
N THR C 65 -21.55 -15.54 12.70
CA THR C 65 -22.12 -14.19 12.72
C THR C 65 -21.67 -13.50 14.00
N LEU C 66 -20.78 -12.53 13.83
CA LEU C 66 -20.22 -11.75 14.92
C LEU C 66 -21.25 -10.81 15.52
N ASP C 67 -20.85 -10.18 16.63
CA ASP C 67 -21.68 -9.17 17.29
C ASP C 67 -21.93 -8.05 16.31
N SER C 68 -23.19 -7.66 16.14
CA SER C 68 -23.51 -6.56 15.25
C SER C 68 -23.00 -5.22 15.78
N LYS C 69 -22.25 -4.51 14.93
CA LYS C 69 -21.75 -3.18 15.26
C LYS C 69 -22.81 -2.12 15.04
N THR C 70 -22.74 -1.07 15.85
CA THR C 70 -23.67 0.05 15.77
C THR C 70 -23.00 1.21 15.06
N TRP C 71 -23.40 1.46 13.83
CA TRP C 71 -22.79 2.58 13.11
C TRP C 71 -23.53 3.81 13.61
N THR C 72 -22.94 4.49 14.59
CA THR C 72 -23.52 5.73 15.06
C THR C 72 -23.10 6.85 14.13
N THR C 73 -23.53 8.05 14.46
CA THR C 73 -23.17 9.18 13.63
C THR C 73 -21.70 9.54 13.80
N GLY C 74 -21.12 9.19 14.95
CA GLY C 74 -19.73 9.47 15.28
C GLY C 74 -18.81 8.26 15.27
N SER C 75 -19.04 7.26 14.41
CA SER C 75 -18.13 6.13 14.31
C SER C 75 -16.98 6.41 13.36
N LYS C 76 -15.79 5.93 13.75
CA LYS C 76 -14.58 6.13 12.95
C LYS C 76 -14.12 4.86 12.22
N GLY C 77 -14.65 3.69 12.55
CA GLY C 77 -14.28 2.51 11.82
C GLY C 77 -14.16 1.25 12.65
N TRP C 78 -13.98 0.12 11.97
CA TRP C 78 -13.80 -1.18 12.60
C TRP C 78 -12.71 -1.93 11.87
N CYS C 79 -12.03 -2.80 12.60
CA CYS C 79 -10.93 -3.59 12.08
C CYS C 79 -11.03 -5.00 12.63
N TRP C 80 -11.19 -5.99 11.76
CA TRP C 80 -11.23 -7.37 12.20
C TRP C 80 -9.98 -8.06 11.67
N LYS C 81 -9.30 -8.80 12.55
CA LYS C 81 -8.13 -9.54 12.13
C LYS C 81 -8.52 -10.98 11.83
N LEU C 82 -8.01 -11.53 10.73
CA LEU C 82 -8.21 -12.93 10.38
C LEU C 82 -6.86 -13.64 10.23
N PRO C 83 -6.75 -14.89 10.69
CA PRO C 83 -7.77 -15.74 11.30
C PRO C 83 -7.97 -15.47 12.79
N ASP C 84 -7.41 -14.38 13.31
CA ASP C 84 -7.51 -14.14 14.74
C ASP C 84 -8.93 -13.79 15.15
N ALA C 85 -9.76 -13.27 14.25
CA ALA C 85 -11.14 -12.97 14.61
C ALA C 85 -11.94 -14.23 14.87
N LEU C 86 -11.45 -15.38 14.41
CA LEU C 86 -12.14 -16.66 14.61
C LEU C 86 -11.39 -17.56 15.58
N LYS C 87 -10.70 -16.99 16.56
CA LYS C 87 -9.88 -17.81 17.44
C LYS C 87 -10.69 -18.60 18.46
N ASP C 88 -11.91 -18.16 18.80
CA ASP C 88 -12.73 -18.91 19.76
C ASP C 88 -14.08 -19.38 19.20
N MET C 89 -14.28 -19.36 17.89
CA MET C 89 -15.60 -19.68 17.33
C MET C 89 -15.73 -21.14 16.93
N GLY C 90 -15.96 -21.99 17.94
CA GLY C 90 -16.25 -23.40 17.68
C GLY C 90 -15.08 -24.25 17.19
N VAL C 91 -15.36 -25.06 16.16
CA VAL C 91 -14.36 -25.95 15.59
C VAL C 91 -13.28 -25.18 14.83
N PHE C 92 -13.63 -24.05 14.23
CA PHE C 92 -12.63 -23.27 13.54
C PHE C 92 -11.61 -22.70 14.52
N GLY C 93 -12.11 -22.07 15.58
CA GLY C 93 -11.22 -21.49 16.59
C GLY C 93 -10.48 -22.53 17.38
N GLN C 94 -11.07 -23.73 17.55
CA GLN C 94 -10.36 -24.76 18.28
C GLN C 94 -9.21 -25.32 17.43
N ASN C 95 -9.49 -25.67 16.17
CA ASN C 95 -8.43 -26.20 15.32
C ASN C 95 -7.38 -25.13 15.00
N MET C 96 -7.71 -23.85 15.19
CA MET C 96 -6.70 -22.81 15.03
C MET C 96 -5.65 -22.91 16.13
N PHE C 97 -6.04 -23.29 17.34
CA PHE C 97 -5.11 -23.40 18.45
C PHE C 97 -4.49 -24.79 18.56
N PHE C 98 -5.15 -25.82 18.04
CA PHE C 98 -4.61 -27.17 18.20
C PHE C 98 -3.41 -27.36 17.28
N HIS C 99 -3.63 -27.19 15.98
CA HIS C 99 -2.54 -27.26 15.01
C HIS C 99 -1.88 -25.90 14.89
N SER C 100 -0.56 -25.90 14.80
CA SER C 100 0.16 -24.64 14.67
C SER C 100 -0.03 -24.05 13.28
N LEU C 101 0.35 -24.77 12.24
CA LEU C 101 0.26 -24.25 10.88
C LEU C 101 -1.14 -24.52 10.33
N GLY C 102 -1.68 -23.52 9.63
CA GLY C 102 -2.98 -23.64 9.00
C GLY C 102 -3.03 -22.67 7.84
N ARG C 103 -4.08 -22.79 7.03
CA ARG C 103 -4.16 -21.96 5.82
C ARG C 103 -5.64 -21.92 5.46
N SER C 104 -6.28 -20.75 5.58
CA SER C 104 -7.70 -20.66 5.32
C SER C 104 -8.10 -19.43 4.49
N GLY C 105 -9.07 -19.65 3.59
CA GLY C 105 -9.70 -18.58 2.84
C GLY C 105 -11.02 -18.16 3.50
N TYR C 106 -11.56 -17.04 3.04
CA TYR C 106 -12.79 -16.49 3.61
C TYR C 106 -13.72 -15.86 2.57
N THR C 107 -14.99 -15.83 2.97
CA THR C 107 -16.06 -15.11 2.30
C THR C 107 -16.67 -14.24 3.39
N VAL C 108 -16.46 -12.92 3.28
CA VAL C 108 -16.87 -11.98 4.30
C VAL C 108 -18.13 -11.23 3.88
N HIS C 109 -19.22 -11.43 4.63
CA HIS C 109 -20.47 -10.72 4.41
C HIS C 109 -20.57 -9.65 5.50
N VAL C 110 -20.62 -8.39 5.09
CA VAL C 110 -20.82 -7.24 5.99
C VAL C 110 -22.18 -6.65 5.67
N GLN C 111 -23.10 -6.66 6.64
CA GLN C 111 -24.45 -6.20 6.36
C GLN C 111 -24.84 -5.05 7.26
N CYS C 112 -25.32 -3.98 6.61
CA CYS C 112 -25.79 -2.74 7.23
C CYS C 112 -27.25 -2.65 6.76
N ASN C 113 -28.13 -3.34 7.48
CA ASN C 113 -29.55 -3.34 7.14
C ASN C 113 -30.18 -1.98 7.40
N ALA C 114 -30.97 -1.50 6.43
CA ALA C 114 -31.58 -0.18 6.52
C ALA C 114 -32.85 -0.12 5.67
N THR C 115 -33.62 0.95 5.91
CA THR C 115 -34.82 1.30 5.17
C THR C 115 -34.42 2.12 3.95
N LYS C 116 -35.41 2.65 3.20
CA LYS C 116 -35.12 3.50 2.04
C LYS C 116 -35.10 4.99 2.38
N PHE C 117 -34.86 5.34 3.63
CA PHE C 117 -34.66 6.73 4.05
C PHE C 117 -33.26 6.98 4.55
N HIS C 118 -32.52 5.92 4.89
CA HIS C 118 -31.18 6.00 5.45
C HIS C 118 -30.15 6.24 4.36
N SER C 119 -29.13 7.00 4.69
CA SER C 119 -28.01 7.27 3.79
C SER C 119 -26.69 6.86 4.46
N GLY C 120 -25.60 7.06 3.74
CA GLY C 120 -24.26 6.73 4.19
C GLY C 120 -23.62 5.60 3.39
N CYS C 121 -22.29 5.53 3.53
CA CYS C 121 -21.44 4.57 2.83
C CYS C 121 -20.32 4.10 3.76
N LEU C 122 -20.12 2.78 3.85
CA LEU C 122 -19.02 2.20 4.59
C LEU C 122 -17.96 1.70 3.61
N LEU C 123 -16.69 1.87 3.99
CA LEU C 123 -15.56 1.36 3.21
C LEU C 123 -15.01 0.07 3.81
N VAL C 124 -15.32 -1.05 3.16
CA VAL C 124 -14.77 -2.35 3.53
C VAL C 124 -13.52 -2.64 2.71
N VAL C 125 -12.36 -2.63 3.38
CA VAL C 125 -11.06 -2.90 2.77
C VAL C 125 -10.43 -4.09 3.47
N VAL C 126 -9.61 -4.84 2.72
CA VAL C 126 -8.85 -5.97 3.26
C VAL C 126 -7.37 -5.61 3.16
N ILE C 127 -6.68 -5.58 4.30
CA ILE C 127 -5.31 -5.10 4.32
C ILE C 127 -4.39 -6.28 4.63
N PRO C 128 -3.60 -6.77 3.68
CA PRO C 128 -2.66 -7.87 3.97
C PRO C 128 -1.51 -7.37 4.81
N GLU C 129 -1.21 -8.05 5.92
CA GLU C 129 -0.04 -7.71 6.73
C GLU C 129 -0.14 -6.24 7.15
N HIS C 130 -1.27 -5.94 7.79
CA HIS C 130 -1.59 -4.60 8.29
C HIS C 130 -0.75 -4.28 9.52
N GLN C 131 0.47 -3.80 9.27
CA GLN C 131 1.33 -3.43 10.38
C GLN C 131 0.76 -2.17 11.01
N LEU C 132 0.41 -2.26 12.29
CA LEU C 132 -0.16 -1.10 12.98
C LEU C 132 0.93 -0.20 13.55
N ALA C 133 0.55 1.07 13.73
CA ALA C 133 1.40 2.08 14.31
C ALA C 133 0.91 2.29 15.74
N SER C 134 1.83 2.41 16.70
CA SER C 134 1.38 2.46 18.08
C SER C 134 0.63 3.76 18.36
N HIS C 135 -0.36 3.66 19.24
CA HIS C 135 -1.16 4.83 19.67
C HIS C 135 -0.34 6.04 20.08
N VAL C 140 9.92 0.86 19.98
CA VAL C 140 8.74 0.33 20.66
C VAL C 140 7.74 -0.26 19.65
N SER C 141 7.29 -1.47 19.94
CA SER C 141 6.34 -2.21 19.12
C SER C 141 4.98 -2.25 19.80
N VAL C 142 3.95 -2.58 19.01
CA VAL C 142 2.58 -2.57 19.51
C VAL C 142 2.31 -3.90 20.21
N LYS C 143 1.64 -3.85 21.35
CA LYS C 143 1.46 -5.06 22.15
C LYS C 143 0.43 -6.02 21.54
N TYR C 144 0.55 -7.29 21.94
CA TYR C 144 -0.18 -8.41 21.34
C TYR C 144 -1.69 -8.34 21.59
N THR C 145 -2.12 -7.82 22.74
CA THR C 145 -3.54 -7.81 23.04
C THR C 145 -4.35 -6.99 22.04
N PHE C 146 -3.75 -5.97 21.41
CA PHE C 146 -4.47 -5.13 20.45
C PHE C 146 -4.24 -5.50 18.99
N THR C 147 -3.07 -6.04 18.63
CA THR C 147 -2.88 -6.50 17.27
C THR C 147 -3.67 -7.78 17.02
N HIS C 148 -4.06 -8.47 18.09
CA HIS C 148 -4.83 -9.72 18.01
C HIS C 148 -6.03 -9.50 18.91
N PRO C 149 -7.03 -8.73 18.44
CA PRO C 149 -8.18 -8.39 19.30
C PRO C 149 -9.31 -9.41 19.30
N GLY C 150 -9.28 -10.39 18.41
CA GLY C 150 -10.30 -11.42 18.39
C GLY C 150 -11.60 -11.00 17.70
N GLU C 151 -12.70 -11.61 18.13
CA GLU C 151 -13.98 -11.34 17.49
C GLU C 151 -14.44 -9.90 17.61
N ARG C 152 -14.10 -9.23 18.70
CA ARG C 152 -14.53 -7.83 18.87
C ARG C 152 -13.80 -6.87 17.95
N GLY C 153 -12.54 -7.17 17.59
CA GLY C 153 -11.77 -6.22 16.81
C GLY C 153 -11.45 -4.94 17.58
N ILE C 154 -10.94 -3.97 16.84
CA ILE C 154 -10.59 -2.65 17.37
C ILE C 154 -11.56 -1.63 16.80
N ASP C 155 -12.27 -0.96 17.71
CA ASP C 155 -13.10 0.18 17.35
C ASP C 155 -12.23 1.44 17.30
N LEU C 156 -12.06 1.97 16.10
CA LEU C 156 -11.14 3.07 15.88
C LEU C 156 -11.62 4.36 16.53
N SER C 157 -12.84 4.39 17.05
CA SER C 157 -13.38 5.55 17.74
C SER C 157 -13.09 5.55 19.24
N SER C 158 -12.28 4.63 19.73
CA SER C 158 -11.97 4.57 21.17
C SER C 158 -10.73 5.39 21.49
N PRO C 165 -1.99 -0.03 19.46
CA PRO C 165 -1.91 0.58 18.13
C PRO C 165 -2.67 1.90 18.02
N VAL C 166 -2.28 2.66 17.01
CA VAL C 166 -2.85 3.97 16.72
C VAL C 166 -4.20 3.80 16.03
N LYS C 167 -5.12 4.71 16.34
CA LYS C 167 -6.49 4.60 15.85
C LYS C 167 -6.83 5.72 14.87
N ASP C 168 -5.81 6.43 14.36
CA ASP C 168 -6.00 7.50 13.39
C ASP C 168 -6.39 6.92 12.04
N VAL C 169 -7.64 7.12 11.63
CA VAL C 169 -8.10 6.56 10.36
C VAL C 169 -7.52 7.27 9.14
N ILE C 170 -7.13 8.54 9.29
CA ILE C 170 -6.52 9.30 8.19
C ILE C 170 -5.21 8.72 7.68
N TYR C 171 -4.42 8.09 8.55
CA TYR C 171 -3.15 7.49 8.14
C TYR C 171 -3.15 5.97 8.03
N ASN C 172 -4.32 5.32 7.95
CA ASN C 172 -4.33 3.88 7.72
C ASN C 172 -3.49 3.11 8.75
N MET C 173 -3.35 3.64 9.96
CA MET C 173 -2.51 3.03 10.98
C MET C 173 -1.04 2.96 10.60
N ASN C 174 -0.61 3.61 9.51
CA ASN C 174 0.78 3.48 9.08
C ASN C 174 1.39 4.71 8.44
N GLY C 175 0.74 5.86 8.48
CA GLY C 175 1.28 7.03 7.83
C GLY C 175 0.95 7.17 6.36
N THR C 176 0.01 6.36 5.85
CA THR C 176 -0.45 6.43 4.48
C THR C 176 -1.89 6.92 4.48
N LEU C 177 -2.23 7.81 3.56
CA LEU C 177 -3.57 8.41 3.57
C LEU C 177 -4.62 7.35 3.28
N LEU C 178 -5.81 7.56 3.84
CA LEU C 178 -6.86 6.57 3.70
C LEU C 178 -7.31 6.43 2.25
N GLY C 179 -7.24 7.51 1.49
CA GLY C 179 -7.65 7.48 0.09
C GLY C 179 -6.82 6.58 -0.80
N ASN C 180 -5.55 6.36 -0.46
CA ASN C 180 -4.77 5.49 -1.32
C ASN C 180 -4.96 4.00 -0.99
N LEU C 181 -5.87 3.69 -0.07
CA LEU C 181 -6.20 2.32 0.33
C LEU C 181 -7.15 1.63 -0.64
N LEU C 182 -7.57 2.32 -1.69
CA LEU C 182 -8.52 1.81 -2.69
C LEU C 182 -7.89 0.87 -3.70
N ILE C 183 -6.58 0.66 -3.64
CA ILE C 183 -5.93 -0.32 -4.49
C ILE C 183 -6.31 -1.73 -4.06
N PHE C 184 -6.63 -1.91 -2.78
CA PHE C 184 -7.04 -3.22 -2.28
C PHE C 184 -8.48 -3.52 -2.70
N PRO C 185 -8.88 -4.79 -2.69
CA PRO C 185 -10.24 -5.16 -3.07
C PRO C 185 -11.30 -4.59 -2.12
N HIS C 186 -12.14 -3.70 -2.65
CA HIS C 186 -13.14 -2.98 -1.88
C HIS C 186 -14.49 -3.01 -2.57
N GLN C 187 -15.49 -2.48 -1.86
CA GLN C 187 -16.82 -2.24 -2.39
C GLN C 187 -17.50 -1.25 -1.46
N PHE C 188 -18.20 -0.28 -2.03
CA PHE C 188 -18.93 0.70 -1.23
C PHE C 188 -20.33 0.19 -0.92
N ILE C 189 -20.78 0.45 0.32
CA ILE C 189 -22.15 0.12 0.71
C ILE C 189 -22.96 1.39 0.85
N ASN C 190 -23.58 1.81 -0.25
CA ASN C 190 -24.47 2.97 -0.29
C ASN C 190 -25.91 2.53 -0.04
N LEU C 191 -26.51 2.95 1.08
CA LEU C 191 -27.84 2.43 1.35
C LEU C 191 -28.79 2.85 0.23
N ARG C 192 -28.46 3.93 -0.48
CA ARG C 192 -29.15 4.35 -1.68
C ARG C 192 -29.08 3.28 -2.75
N THR C 193 -27.89 2.70 -2.93
CA THR C 193 -27.61 1.72 -3.97
C THR C 193 -27.59 0.29 -3.46
N ASN C 194 -26.84 0.01 -2.40
CA ASN C 194 -26.70 -1.37 -1.95
C ASN C 194 -26.99 -1.49 -0.45
N ASN C 195 -26.99 -2.72 0.05
CA ASN C 195 -27.10 -3.01 1.49
C ASN C 195 -26.19 -4.12 1.95
N THR C 196 -25.54 -4.85 1.04
CA THR C 196 -24.63 -5.95 1.33
C THR C 196 -23.30 -5.71 0.61
N ALA C 197 -22.22 -6.21 1.20
CA ALA C 197 -20.92 -6.22 0.55
C ALA C 197 -20.20 -7.53 0.84
N THR C 198 -19.73 -8.18 -0.21
CA THR C 198 -19.08 -9.48 -0.14
C THR C 198 -17.65 -9.37 -0.64
N ILE C 199 -16.70 -9.83 0.16
CA ILE C 199 -15.28 -9.75 -0.15
C ILE C 199 -14.70 -11.16 -0.04
N VAL C 200 -14.23 -11.71 -1.16
CA VAL C 200 -13.63 -13.04 -1.20
C VAL C 200 -12.11 -12.93 -1.05
N ILE C 201 -11.59 -13.26 0.13
CA ILE C 201 -10.17 -13.14 0.42
C ILE C 201 -9.50 -14.51 0.24
N PRO C 202 -8.43 -14.61 -0.58
CA PRO C 202 -7.76 -15.90 -0.69
C PRO C 202 -6.71 -15.97 0.41
N TYR C 203 -5.94 -17.05 0.49
CA TYR C 203 -4.85 -17.11 1.46
C TYR C 203 -3.66 -16.35 0.89
N ILE C 204 -3.32 -15.21 1.49
CA ILE C 204 -2.24 -14.37 1.01
C ILE C 204 -1.14 -14.42 2.05
N ASN C 205 -0.09 -15.20 1.77
CA ASN C 205 1.03 -15.32 2.69
C ASN C 205 2.23 -15.84 1.92
N SER C 206 3.43 -15.59 2.46
CA SER C 206 4.67 -16.00 1.84
C SER C 206 5.12 -17.42 2.15
N VAL C 207 4.44 -18.14 3.03
CA VAL C 207 4.75 -19.55 3.30
C VAL C 207 3.47 -20.35 3.07
N PRO C 208 3.52 -21.62 2.66
CA PRO C 208 2.28 -22.30 2.29
C PRO C 208 1.37 -22.49 3.47
N ILE C 209 1.92 -22.55 4.68
CA ILE C 209 1.13 -22.71 5.89
C ILE C 209 1.95 -22.03 6.96
N ASP C 210 1.27 -21.44 7.95
CA ASP C 210 1.99 -20.67 8.96
C ASP C 210 1.18 -20.66 10.26
N SER C 211 1.83 -20.26 11.34
CA SER C 211 1.15 -20.26 12.63
C SER C 211 0.13 -19.13 12.65
N MET C 212 -1.14 -19.52 12.76
CA MET C 212 -2.32 -18.65 12.69
C MET C 212 -2.52 -17.82 13.95
N THR C 213 -1.84 -18.16 15.04
CA THR C 213 -1.99 -17.50 16.32
C THR C 213 -1.00 -16.36 16.51
N ARG C 214 0.05 -16.30 15.70
CA ARG C 214 1.03 -15.24 15.82
C ARG C 214 1.06 -14.29 14.64
N HIS C 215 0.33 -14.59 13.57
CA HIS C 215 0.35 -13.76 12.37
C HIS C 215 -1.03 -13.68 11.73
N ASN C 216 -1.53 -12.46 11.51
CA ASN C 216 -2.81 -12.27 10.86
C ASN C 216 -2.49 -12.10 9.37
N ASN C 217 -3.11 -12.93 8.54
CA ASN C 217 -2.84 -12.83 7.11
C ASN C 217 -3.47 -11.56 6.59
N VAL C 218 -4.78 -11.43 6.77
CA VAL C 218 -5.52 -10.27 6.28
C VAL C 218 -6.29 -9.69 7.46
N SER C 219 -6.72 -8.45 7.31
CA SER C 219 -7.55 -7.77 8.30
C SER C 219 -8.71 -7.08 7.63
N LEU C 220 -9.94 -7.39 8.05
CA LEU C 220 -11.08 -6.66 7.52
C LEU C 220 -11.22 -5.36 8.29
N MET C 221 -11.25 -4.24 7.57
CA MET C 221 -11.58 -2.94 8.12
C MET C 221 -12.79 -2.34 7.43
N VAL C 222 -13.66 -1.72 8.22
CA VAL C 222 -14.86 -1.03 7.73
C VAL C 222 -14.83 0.41 8.24
N ILE C 223 -14.55 1.36 7.36
CA ILE C 223 -14.33 2.75 7.75
C ILE C 223 -15.44 3.59 7.10
N PRO C 224 -16.24 4.33 7.90
CA PRO C 224 -17.31 5.17 7.35
C PRO C 224 -16.81 6.45 6.72
N ILE C 225 -16.95 6.56 5.39
CA ILE C 225 -16.52 7.77 4.71
C ILE C 225 -17.65 8.79 4.77
N ALA C 226 -18.79 8.53 4.13
CA ALA C 226 -19.86 9.48 4.32
C ALA C 226 -20.61 9.17 5.62
N PRO C 227 -20.80 10.16 6.50
CA PRO C 227 -21.44 9.88 7.80
C PRO C 227 -22.93 9.54 7.66
N LEU C 228 -23.44 8.80 8.62
CA LEU C 228 -24.85 8.42 8.58
C LEU C 228 -25.69 9.66 8.87
N THR C 229 -26.49 10.11 7.91
CA THR C 229 -27.44 11.18 8.16
C THR C 229 -28.83 10.55 8.08
N VAL C 230 -29.61 10.66 9.15
CA VAL C 230 -30.93 10.02 9.17
C VAL C 230 -31.93 10.94 9.84
N PRO C 231 -33.21 10.84 9.45
CA PRO C 231 -34.20 11.64 10.15
C PRO C 231 -34.46 11.08 11.53
N PRO C 236 -30.94 7.72 15.63
CA PRO C 236 -29.58 8.15 15.33
C PRO C 236 -28.52 7.05 15.53
N SER C 237 -28.79 5.87 14.97
CA SER C 237 -27.88 4.73 15.05
C SER C 237 -28.33 3.70 14.03
N LEU C 238 -27.41 2.84 13.63
CA LEU C 238 -27.75 1.83 12.64
C LEU C 238 -26.84 0.62 12.80
N PRO C 239 -27.41 -0.57 12.94
CA PRO C 239 -26.62 -1.79 13.14
C PRO C 239 -25.93 -2.30 11.89
N ILE C 240 -24.75 -2.88 12.12
CA ILE C 240 -23.95 -3.54 11.10
C ILE C 240 -23.73 -4.98 11.60
N THR C 241 -24.13 -5.96 10.80
CA THR C 241 -23.95 -7.37 11.15
C THR C 241 -22.88 -7.92 10.21
N VAL C 242 -21.79 -8.44 10.78
CA VAL C 242 -20.72 -9.05 10.00
C VAL C 242 -20.68 -10.55 10.23
N THR C 243 -20.79 -11.32 9.16
CA THR C 243 -20.79 -12.77 9.24
C THR C 243 -19.63 -13.29 8.42
N ILE C 244 -18.68 -13.94 9.08
CA ILE C 244 -17.46 -14.43 8.46
C ILE C 244 -17.60 -15.94 8.29
N ALA C 245 -17.52 -16.42 7.06
CA ALA C 245 -17.53 -17.86 6.80
C ALA C 245 -16.20 -18.32 6.24
N PRO C 246 -15.39 -19.08 6.99
CA PRO C 246 -14.14 -19.58 6.42
C PRO C 246 -14.38 -20.64 5.37
N MET C 247 -13.67 -20.50 4.25
CA MET C 247 -13.73 -21.42 3.14
C MET C 247 -12.31 -21.89 2.84
N CYS C 248 -12.17 -23.09 2.30
CA CYS C 248 -10.85 -23.60 1.92
C CYS C 248 -9.88 -23.51 3.09
N THR C 249 -10.35 -23.96 4.24
CA THR C 249 -9.57 -23.91 5.48
C THR C 249 -8.68 -25.15 5.49
N GLU C 250 -7.37 -24.92 5.57
CA GLU C 250 -6.41 -26.00 5.65
C GLU C 250 -5.64 -25.95 6.97
N PHE C 251 -5.19 -27.13 7.35
CA PHE C 251 -4.41 -27.37 8.56
C PHE C 251 -3.21 -28.24 8.22
N SER C 252 -2.35 -28.45 9.22
CA SER C 252 -1.17 -29.29 9.05
C SER C 252 -1.53 -30.76 8.89
#